data_9DIG
#
_entry.id   9DIG
#
_cell.length_a   1.00
_cell.length_b   1.00
_cell.length_c   1.00
_cell.angle_alpha   90.00
_cell.angle_beta   90.00
_cell.angle_gamma   90.00
#
_symmetry.space_group_name_H-M   'P 1'
#
loop_
_entity.id
_entity.type
_entity.pdbx_description
1 polymer 'frameshifting pseudoknot RNA'
2 non-polymer 'POTASSIUM ION'
3 non-polymer 'MAGNESIUM ION'
#
_entity_poly.entity_id   1
_entity_poly.type   'polyribonucleotide'
_entity_poly.pdbx_seq_one_letter_code
;GGGCCACUGUUCUCACUGUUGCGCUACAUCUGGCUUUUCGGAAAUGGAAGCCAGACCACACGAAAGUGUGGAUUGACCAG
UGGCCCCUCCCUGAAGGUAAACUUGUAGCGC
;
_entity_poly.pdbx_strand_id   A,B
#
loop_
_chem_comp.id
_chem_comp.type
_chem_comp.name
_chem_comp.formula
A RNA linking ADENOSINE-5'-MONOPHOSPHATE 'C10 H14 N5 O7 P'
C RNA linking CYTIDINE-5'-MONOPHOSPHATE 'C9 H14 N3 O8 P'
G RNA linking GUANOSINE-5'-MONOPHOSPHATE 'C10 H14 N5 O8 P'
K non-polymer 'POTASSIUM ION' 'K 1'
MG non-polymer 'MAGNESIUM ION' 'Mg 2'
U RNA linking URIDINE-5'-MONOPHOSPHATE 'C9 H13 N2 O9 P'
#
# COMPACT_ATOMS: atom_id res chain seq x y z
K K C . 6.94 -5.36 -0.96
K K D . 12.60 -5.66 0.69
MG MG E . 10.79 6.48 17.19
K K F . -7.97 -3.72 0.41
K K G . -13.51 -2.55 -1.19
MG MG H . -8.84 10.81 -16.15
#